data_8QK9
#
_entry.id   8QK9
#
_cell.length_a   122.309
_cell.length_b   81.178
_cell.length_c   32.974
_cell.angle_alpha   90.00
_cell.angle_beta   103.32
_cell.angle_gamma   90.00
#
_symmetry.space_group_name_H-M   'C 1 2 1'
#
loop_
_entity.id
_entity.type
_entity.pdbx_description
1 polymer 'UDP-2,3-diacylglucosamine hydrolase'
2 non-polymer 'MANGANESE (II) ION'
3 non-polymer 2-[methyl(methylsulfonyl)amino]-~{N}-[4-[4-[3-(trifluoromethyl)phenyl]piperazin-1-yl]sulfonylphenyl]benzamide
4 water water
#
_entity_poly.entity_id   1
_entity_poly.type   'polypeptide(L)'
_entity_poly.pdbx_seq_one_letter_code
;MATLFIADLHLCVEEPAITAGFLRFLAEEARKADALYILGDLFEAWIGDDDPNPLHRQMAAAIKAVSDSGVPCYFIHGNR
DFLLGKRFARESGMTLLPEEKVLELYGRRVLIMHGDTLCTDDAGYQAFRAKVHKPWLQMLFLALPLFVRKRIAARMRANS
KEANSSKSLAIMDVNQNAVVSAMEKHQVQWLIHGHTHRPAVHELIANQQPAFRVVLGAWHTEGSMVKVTADDVELIHFPF
HHHHHH
;
_entity_poly.pdbx_strand_id   A
#
# COMPACT_ATOMS: atom_id res chain seq x y z
N ALA A 2 -7.40 5.00 -17.48
CA ALA A 2 -6.96 3.81 -16.72
C ALA A 2 -6.58 4.25 -15.32
N THR A 3 -6.95 3.42 -14.35
CA THR A 3 -6.61 3.60 -12.96
C THR A 3 -5.52 2.60 -12.63
N LEU A 4 -4.49 3.06 -11.90
CA LEU A 4 -3.31 2.27 -11.56
C LEU A 4 -3.26 2.01 -10.05
N PHE A 5 -2.76 0.81 -9.71
CA PHE A 5 -2.56 0.36 -8.35
C PHE A 5 -1.13 -0.18 -8.22
N ILE A 6 -0.45 0.24 -7.16
CA ILE A 6 0.86 -0.26 -6.79
C ILE A 6 0.88 -0.47 -5.27
N ALA A 7 1.88 -1.24 -4.80
CA ALA A 7 2.06 -1.50 -3.39
C ALA A 7 3.43 -2.09 -3.13
N ASP A 8 3.83 -2.07 -1.86
CA ASP A 8 4.99 -2.84 -1.41
C ASP A 8 6.25 -2.37 -2.11
N LEU A 9 6.42 -1.03 -2.24
CA LEU A 9 7.66 -0.51 -2.79
C LEU A 9 8.79 -0.61 -1.75
N HIS A 10 8.46 -0.46 -0.45
CA HIS A 10 9.45 -0.53 0.62
C HIS A 10 10.61 0.44 0.36
N LEU A 11 10.32 1.71 0.01
CA LEU A 11 11.37 2.67 -0.31
C LEU A 11 12.33 2.84 0.85
N CYS A 12 13.61 2.99 0.50
CA CYS A 12 14.71 2.96 1.47
C CYS A 12 15.94 3.57 0.81
N VAL A 13 16.66 4.42 1.53
CA VAL A 13 17.80 5.14 0.97
C VAL A 13 18.76 4.18 0.28
N GLU A 14 18.97 3.02 0.88
CA GLU A 14 20.00 2.10 0.43
C GLU A 14 19.44 1.06 -0.55
N GLU A 15 18.26 1.32 -1.10
CA GLU A 15 17.79 0.60 -2.26
C GLU A 15 17.49 1.58 -3.40
N PRO A 16 18.53 2.17 -4.02
CA PRO A 16 18.37 3.22 -5.02
C PRO A 16 17.68 2.84 -6.34
N ALA A 17 17.71 1.53 -6.68
CA ALA A 17 17.06 1.07 -7.89
C ALA A 17 15.54 1.23 -7.78
N ILE A 18 15.00 1.06 -6.57
CA ILE A 18 13.55 1.18 -6.36
C ILE A 18 13.16 2.66 -6.41
N THR A 19 13.99 3.50 -5.79
CA THR A 19 13.77 4.94 -5.73
C THR A 19 13.70 5.49 -7.15
N ALA A 20 14.69 5.09 -7.97
CA ALA A 20 14.79 5.53 -9.35
C ALA A 20 13.60 5.01 -10.14
N GLY A 21 13.23 3.74 -9.91
CA GLY A 21 12.14 3.10 -10.65
C GLY A 21 10.77 3.76 -10.36
N PHE A 22 10.57 4.11 -9.10
CA PHE A 22 9.33 4.78 -8.67
C PHE A 22 9.23 6.19 -9.27
N LEU A 23 10.35 6.91 -9.29
CA LEU A 23 10.37 8.26 -9.84
C LEU A 23 10.01 8.21 -11.32
N ARG A 24 10.56 7.21 -12.03
CA ARG A 24 10.22 7.05 -13.44
C ARG A 24 8.75 6.72 -13.63
N PHE A 25 8.21 5.83 -12.77
CA PHE A 25 6.83 5.40 -12.87
C PHE A 25 5.91 6.62 -12.74
N LEU A 26 6.24 7.45 -11.76
CA LEU A 26 5.48 8.67 -11.47
C LEU A 26 5.51 9.64 -12.65
N ALA A 27 6.69 9.86 -13.26
CA ALA A 27 6.84 10.81 -14.36
C ALA A 27 6.21 10.26 -15.65
N GLU A 28 6.23 8.94 -15.88
CA GLU A 28 5.84 8.37 -17.16
C GLU A 28 4.44 7.73 -17.11
N GLU A 29 4.19 6.82 -16.16
CA GLU A 29 2.94 6.08 -16.16
C GLU A 29 1.84 6.88 -15.49
N ALA A 30 2.10 7.32 -14.26
CA ALA A 30 1.04 7.87 -13.43
C ALA A 30 0.51 9.18 -14.00
N ARG A 31 1.38 9.93 -14.71
CA ARG A 31 0.96 11.22 -15.27
C ARG A 31 -0.12 11.01 -16.32
N LYS A 32 -0.18 9.81 -16.92
CA LYS A 32 -1.15 9.46 -17.96
C LYS A 32 -2.42 8.81 -17.42
N ALA A 33 -2.50 8.55 -16.10
CA ALA A 33 -3.58 7.76 -15.53
C ALA A 33 -4.76 8.66 -15.18
N ASP A 34 -5.94 8.07 -14.92
CA ASP A 34 -7.05 8.80 -14.31
C ASP A 34 -6.83 9.04 -12.81
N ALA A 35 -6.10 8.11 -12.17
CA ALA A 35 -5.95 8.09 -10.72
C ALA A 35 -4.84 7.09 -10.38
N LEU A 36 -4.14 7.31 -9.25
CA LEU A 36 -3.15 6.39 -8.74
C LEU A 36 -3.51 6.01 -7.30
N TYR A 37 -3.61 4.69 -7.05
CA TYR A 37 -3.77 4.12 -5.72
C TYR A 37 -2.52 3.34 -5.28
N ILE A 38 -2.02 3.70 -4.08
CA ILE A 38 -0.85 3.10 -3.44
C ILE A 38 -1.36 2.33 -2.21
N LEU A 39 -1.37 1.00 -2.30
CA LEU A 39 -1.99 0.15 -1.31
C LEU A 39 -0.99 -0.33 -0.23
N GLY A 40 -0.26 0.62 0.36
CA GLY A 40 0.49 0.45 1.62
C GLY A 40 1.91 -0.07 1.39
N ASP A 41 2.79 0.02 2.41
CA ASP A 41 4.19 -0.32 2.31
C ASP A 41 4.86 0.42 1.18
N LEU A 42 4.54 1.72 1.03
CA LEU A 42 5.26 2.63 0.15
C LEU A 42 6.68 2.82 0.66
N PHE A 43 6.83 2.86 1.99
CA PHE A 43 8.11 3.01 2.68
C PHE A 43 8.48 1.75 3.48
N GLU A 44 9.79 1.46 3.57
CA GLU A 44 10.30 0.34 4.34
C GLU A 44 9.90 0.48 5.82
N ALA A 45 9.76 1.72 6.29
CA ALA A 45 9.50 2.00 7.70
C ALA A 45 8.98 3.44 7.81
N TRP A 46 8.19 3.74 8.85
CA TRP A 46 7.75 5.10 9.11
C TRP A 46 7.67 5.32 10.62
N ILE A 47 8.42 6.32 11.12
CA ILE A 47 8.41 6.59 12.54
C ILE A 47 7.77 7.94 12.83
N GLY A 48 7.10 8.54 11.82
CA GLY A 48 6.45 9.84 12.00
C GLY A 48 6.73 10.80 10.83
N ASP A 49 5.76 11.69 10.60
CA ASP A 49 5.80 12.65 9.51
C ASP A 49 6.91 13.71 9.67
N ASP A 50 7.43 13.90 10.90
CA ASP A 50 8.44 14.89 11.19
C ASP A 50 9.84 14.34 10.90
N ASP A 51 9.96 13.08 10.50
CA ASP A 51 11.25 12.46 10.19
C ASP A 51 11.95 13.29 9.11
N PRO A 52 13.19 13.78 9.35
CA PRO A 52 13.90 14.63 8.36
C PRO A 52 14.63 13.90 7.24
N ASN A 53 14.44 12.58 7.13
CA ASN A 53 14.96 11.77 6.04
C ASN A 53 14.75 12.50 4.71
N PRO A 54 15.84 12.89 4.00
CA PRO A 54 15.72 13.54 2.69
C PRO A 54 14.92 12.75 1.65
N LEU A 55 14.94 11.40 1.77
CA LEU A 55 14.15 10.55 0.90
C LEU A 55 12.68 10.97 0.97
N HIS A 56 12.19 11.28 2.15
CA HIS A 56 10.79 11.62 2.33
C HIS A 56 10.46 12.94 1.64
N ARG A 57 11.37 13.92 1.72
CA ARG A 57 11.15 15.20 1.07
C ARG A 57 10.98 14.97 -0.42
N GLN A 58 11.95 14.24 -1.02
CA GLN A 58 12.01 14.04 -2.46
C GLN A 58 10.83 13.22 -3.00
N MET A 59 10.44 12.15 -2.27
CA MET A 59 9.31 11.30 -2.67
C MET A 59 7.98 12.07 -2.53
N ALA A 60 7.84 12.88 -1.49
CA ALA A 60 6.61 13.67 -1.33
C ALA A 60 6.44 14.64 -2.50
N ALA A 61 7.53 15.34 -2.88
CA ALA A 61 7.44 16.33 -3.93
C ALA A 61 7.08 15.66 -5.26
N ALA A 62 7.64 14.46 -5.51
CA ALA A 62 7.40 13.70 -6.72
C ALA A 62 5.96 13.24 -6.83
N ILE A 63 5.39 12.74 -5.71
CA ILE A 63 4.01 12.30 -5.73
C ILE A 63 3.10 13.53 -5.88
N LYS A 64 3.44 14.61 -5.20
CA LYS A 64 2.61 15.82 -5.28
C LYS A 64 2.60 16.41 -6.69
N ALA A 65 3.72 16.28 -7.44
CA ALA A 65 3.76 16.71 -8.83
C ALA A 65 2.73 15.97 -9.66
N VAL A 66 2.48 14.70 -9.32
CA VAL A 66 1.45 13.95 -10.03
C VAL A 66 0.06 14.50 -9.68
N SER A 67 -0.32 14.63 -8.41
CA SER A 67 -1.68 15.11 -8.16
C SER A 67 -1.87 16.57 -8.62
N ASP A 68 -0.79 17.39 -8.53
CA ASP A 68 -0.83 18.79 -8.95
C ASP A 68 -1.03 18.90 -10.46
N SER A 69 -0.65 17.86 -11.20
CA SER A 69 -0.88 17.73 -12.64
C SER A 69 -2.31 17.30 -13.00
N GLY A 70 -3.19 17.03 -12.03
CA GLY A 70 -4.55 16.62 -12.34
C GLY A 70 -4.84 15.13 -12.09
N VAL A 71 -3.86 14.36 -11.57
CA VAL A 71 -4.07 12.94 -11.34
C VAL A 71 -4.17 12.67 -9.83
N PRO A 72 -5.37 12.46 -9.25
CA PRO A 72 -5.47 12.17 -7.82
C PRO A 72 -4.66 10.92 -7.42
N CYS A 73 -4.03 11.01 -6.26
CA CYS A 73 -3.22 9.98 -5.63
C CYS A 73 -3.81 9.63 -4.27
N TYR A 74 -4.00 8.33 -4.00
CA TYR A 74 -4.67 7.84 -2.80
C TYR A 74 -3.75 6.81 -2.15
N PHE A 75 -3.82 6.74 -0.82
CA PHE A 75 -2.98 5.84 -0.04
C PHE A 75 -3.83 5.04 0.95
N ILE A 76 -3.59 3.72 0.99
CA ILE A 76 -3.96 2.86 2.09
C ILE A 76 -2.68 2.43 2.83
N HIS A 77 -2.76 2.45 4.17
CA HIS A 77 -1.60 2.18 5.01
C HIS A 77 -1.25 0.69 4.91
N GLY A 78 0.04 0.39 4.95
CA GLY A 78 0.48 -0.96 5.17
C GLY A 78 0.97 -1.18 6.61
N ASN A 79 1.53 -2.36 6.89
CA ASN A 79 2.06 -2.67 8.21
C ASN A 79 3.37 -1.93 8.46
N ARG A 80 4.09 -1.57 7.40
CA ARG A 80 5.34 -0.85 7.56
C ARG A 80 5.11 0.63 7.80
N ASP A 81 4.07 1.22 7.18
CA ASP A 81 3.90 2.66 7.18
C ASP A 81 2.54 3.11 7.73
N PHE A 82 2.03 2.43 8.76
CA PHE A 82 0.74 2.78 9.34
C PHE A 82 0.80 4.14 10.05
N LEU A 83 2.01 4.60 10.42
CA LEU A 83 2.09 5.92 11.06
C LEU A 83 2.08 7.07 10.06
N LEU A 84 2.07 6.83 8.74
CA LEU A 84 2.09 7.97 7.82
C LEU A 84 0.81 8.77 8.05
N GLY A 85 0.93 10.09 8.30
CA GLY A 85 -0.17 10.91 8.79
C GLY A 85 -0.57 12.03 7.83
N LYS A 86 -1.34 12.97 8.38
CA LYS A 86 -1.97 14.02 7.58
C LYS A 86 -0.93 15.06 7.10
N ARG A 87 0.12 15.26 7.88
CA ARG A 87 1.17 16.20 7.51
C ARG A 87 1.89 15.71 6.24
N PHE A 88 2.25 14.41 6.21
CA PHE A 88 2.92 13.87 5.03
C PHE A 88 1.94 13.73 3.85
N ALA A 89 0.65 13.49 4.13
CA ALA A 89 -0.38 13.45 3.11
C ALA A 89 -0.50 14.82 2.45
N ARG A 90 -0.41 15.87 3.26
CA ARG A 90 -0.37 17.21 2.70
C ARG A 90 0.91 17.45 1.89
N GLU A 91 2.08 17.06 2.42
CA GLU A 91 3.34 17.29 1.73
C GLU A 91 3.34 16.62 0.35
N SER A 92 2.70 15.44 0.27
CA SER A 92 2.75 14.54 -0.88
C SER A 92 1.53 14.70 -1.78
N GLY A 93 0.54 15.52 -1.40
CA GLY A 93 -0.68 15.63 -2.19
C GLY A 93 -1.50 14.34 -2.29
N MET A 94 -1.45 13.47 -1.28
CA MET A 94 -2.19 12.21 -1.27
C MET A 94 -3.44 12.35 -0.39
N THR A 95 -4.51 11.62 -0.75
CA THR A 95 -5.64 11.40 0.17
C THR A 95 -5.51 10.07 0.89
N LEU A 96 -5.61 10.08 2.24
CA LEU A 96 -5.55 8.87 3.04
C LEU A 96 -6.91 8.18 3.00
N LEU A 97 -6.91 6.86 2.75
CA LEU A 97 -8.13 6.07 2.68
C LEU A 97 -8.24 5.19 3.91
N PRO A 98 -9.45 4.66 4.19
CA PRO A 98 -9.58 3.61 5.21
C PRO A 98 -8.95 2.30 4.75
N GLU A 99 -8.83 1.38 5.71
CA GLU A 99 -8.31 0.02 5.57
C GLU A 99 -8.89 -0.76 4.39
N GLU A 100 -10.18 -0.58 4.14
CA GLU A 100 -10.88 -1.24 3.05
C GLU A 100 -11.67 -0.18 2.33
N LYS A 101 -11.71 -0.24 1.00
CA LYS A 101 -12.41 0.71 0.17
C LYS A 101 -12.90 0.01 -1.10
N VAL A 102 -14.14 0.30 -1.49
CA VAL A 102 -14.73 -0.21 -2.72
C VAL A 102 -14.78 0.94 -3.73
N LEU A 103 -14.25 0.68 -4.93
CA LEU A 103 -14.24 1.63 -6.02
C LEU A 103 -15.21 1.12 -7.10
N GLU A 104 -15.79 2.07 -7.87
CA GLU A 104 -16.55 1.77 -9.07
C GLU A 104 -15.75 2.28 -10.24
N LEU A 105 -15.18 1.36 -11.03
CA LEU A 105 -14.26 1.72 -12.10
C LEU A 105 -14.82 1.18 -13.41
N TYR A 106 -15.23 2.11 -14.30
CA TYR A 106 -15.67 1.79 -15.66
C TYR A 106 -16.72 0.68 -15.60
N GLY A 107 -17.67 0.79 -14.64
CA GLY A 107 -18.76 -0.16 -14.42
C GLY A 107 -18.56 -1.19 -13.30
N ARG A 108 -17.31 -1.46 -12.92
CA ARG A 108 -16.92 -2.64 -12.15
C ARG A 108 -16.68 -2.24 -10.69
N ARG A 109 -17.10 -3.05 -9.72
CA ARG A 109 -16.88 -2.75 -8.31
C ARG A 109 -15.72 -3.58 -7.76
N VAL A 110 -14.73 -2.89 -7.19
CA VAL A 110 -13.43 -3.47 -6.87
C VAL A 110 -13.09 -3.06 -5.43
N LEU A 111 -12.82 -4.07 -4.58
CA LEU A 111 -12.38 -3.87 -3.22
C LEU A 111 -10.86 -3.74 -3.22
N ILE A 112 -10.34 -2.73 -2.50
CA ILE A 112 -8.89 -2.55 -2.31
C ILE A 112 -8.56 -2.47 -0.82
N MET A 113 -7.38 -2.99 -0.50
CA MET A 113 -6.82 -3.01 0.85
C MET A 113 -5.34 -3.39 0.75
N HIS A 114 -4.58 -3.24 1.84
CA HIS A 114 -3.17 -3.58 1.85
C HIS A 114 -3.05 -5.10 1.76
N GLY A 115 -3.87 -5.80 2.57
CA GLY A 115 -3.89 -7.24 2.62
C GLY A 115 -3.51 -7.84 3.97
N ASP A 116 -2.88 -7.06 4.86
CA ASP A 116 -2.47 -7.62 6.15
C ASP A 116 -3.65 -8.02 7.05
N THR A 117 -4.80 -7.32 6.96
CA THR A 117 -5.97 -7.68 7.72
C THR A 117 -6.57 -9.04 7.31
N LEU A 118 -6.15 -9.60 6.16
CA LEU A 118 -6.60 -10.91 5.73
C LEU A 118 -5.75 -12.03 6.35
N CYS A 119 -4.58 -11.70 6.91
CA CYS A 119 -3.63 -12.71 7.38
C CYS A 119 -3.95 -13.04 8.83
N THR A 120 -5.18 -13.55 9.03
CA THR A 120 -5.82 -13.69 10.33
C THR A 120 -5.25 -14.87 11.11
N ASP A 121 -4.46 -15.73 10.46
CA ASP A 121 -3.90 -16.87 11.14
C ASP A 121 -2.58 -16.52 11.82
N ASP A 122 -2.02 -15.35 11.50
CA ASP A 122 -0.73 -14.98 12.05
C ASP A 122 -0.96 -14.25 13.36
N ALA A 123 -0.85 -15.03 14.45
CA ALA A 123 -1.25 -14.60 15.78
C ALA A 123 -0.42 -13.41 16.26
N GLY A 124 0.90 -13.57 16.15
CA GLY A 124 1.87 -12.54 16.51
C GLY A 124 1.62 -11.26 15.75
N TYR A 125 1.46 -11.36 14.42
CA TYR A 125 1.20 -10.16 13.65
C TYR A 125 -0.12 -9.53 14.10
N GLN A 126 -1.21 -10.28 14.28
CA GLN A 126 -2.47 -9.61 14.57
C GLN A 126 -2.47 -8.96 15.96
N ALA A 127 -1.67 -9.50 16.89
CA ALA A 127 -1.56 -8.94 18.22
C ALA A 127 -0.77 -7.63 18.13
N PHE A 128 0.43 -7.71 17.53
CA PHE A 128 1.21 -6.53 17.17
C PHE A 128 0.30 -5.44 16.60
N ARG A 129 -0.47 -5.78 15.55
CA ARG A 129 -1.27 -4.81 14.82
C ARG A 129 -2.35 -4.19 15.73
N ALA A 130 -2.90 -5.00 16.63
CA ALA A 130 -3.99 -4.55 17.49
C ALA A 130 -3.56 -3.37 18.38
N LYS A 131 -2.35 -3.50 18.98
CA LYS A 131 -1.77 -2.48 19.85
C LYS A 131 -1.45 -1.20 19.06
N VAL A 132 -0.62 -1.36 18.00
CA VAL A 132 0.02 -0.21 17.34
C VAL A 132 -1.00 0.59 16.56
N HIS A 133 -2.24 0.07 16.43
CA HIS A 133 -3.29 0.81 15.76
C HIS A 133 -4.16 1.61 16.72
N LYS A 134 -3.90 1.52 18.03
CA LYS A 134 -4.61 2.35 18.99
C LYS A 134 -4.12 3.79 18.94
N PRO A 135 -4.98 4.76 18.56
CA PRO A 135 -4.60 6.17 18.49
C PRO A 135 -3.83 6.72 19.69
N TRP A 136 -4.21 6.32 20.91
CA TRP A 136 -3.61 6.90 22.09
C TRP A 136 -2.14 6.50 22.18
N LEU A 137 -1.84 5.26 21.74
CA LEU A 137 -0.51 4.73 21.84
C LEU A 137 0.38 5.31 20.74
N GLN A 138 -0.22 5.52 19.56
CA GLN A 138 0.48 6.16 18.45
C GLN A 138 0.90 7.56 18.88
N MET A 139 0.03 8.24 19.62
CA MET A 139 0.29 9.63 19.98
C MET A 139 1.47 9.68 20.95
N LEU A 140 1.61 8.67 21.82
CA LEU A 140 2.71 8.64 22.77
C LEU A 140 4.02 8.35 22.06
N PHE A 141 4.02 7.36 21.15
CA PHE A 141 5.23 7.03 20.40
C PHE A 141 5.71 8.26 19.61
N LEU A 142 4.77 8.99 18.97
CA LEU A 142 5.11 10.12 18.12
C LEU A 142 5.62 11.29 18.97
N ALA A 143 5.30 11.32 20.27
CA ALA A 143 5.74 12.40 21.15
C ALA A 143 7.19 12.19 21.61
N LEU A 144 7.71 10.98 21.45
CA LEU A 144 9.09 10.69 21.76
C LEU A 144 10.04 11.43 20.83
N PRO A 145 11.28 11.70 21.28
CA PRO A 145 12.31 12.25 20.39
C PRO A 145 12.63 11.33 19.20
N LEU A 146 12.92 11.93 18.05
CA LEU A 146 13.29 11.21 16.85
C LEU A 146 14.34 10.13 17.14
N PHE A 147 15.41 10.45 17.90
CA PHE A 147 16.47 9.46 18.05
C PHE A 147 15.99 8.23 18.84
N VAL A 148 14.98 8.40 19.71
CA VAL A 148 14.43 7.29 20.48
C VAL A 148 13.54 6.44 19.58
N ARG A 149 12.66 7.11 18.82
CA ARG A 149 11.83 6.44 17.84
C ARG A 149 12.68 5.57 16.90
N LYS A 150 13.84 6.08 16.46
CA LYS A 150 14.70 5.35 15.53
C LYS A 150 15.33 4.13 16.19
N ARG A 151 15.75 4.25 17.47
CA ARG A 151 16.35 3.12 18.15
C ARG A 151 15.32 2.02 18.37
N ILE A 152 14.08 2.40 18.74
CA ILE A 152 13.00 1.44 18.92
C ILE A 152 12.80 0.66 17.62
N ALA A 153 12.72 1.40 16.51
CA ALA A 153 12.44 0.84 15.19
C ALA A 153 13.56 -0.08 14.70
N ALA A 154 14.80 0.17 15.12
CA ALA A 154 15.91 -0.75 14.83
C ALA A 154 15.66 -2.12 15.44
N ARG A 155 15.34 -2.15 16.74
CA ARG A 155 14.91 -3.40 17.39
C ARG A 155 13.83 -4.08 16.56
N MET A 156 12.68 -3.41 16.41
CA MET A 156 11.45 -4.07 15.98
C MET A 156 11.62 -4.75 14.62
N ARG A 157 12.65 -4.35 13.86
CA ARG A 157 12.84 -4.83 12.50
C ARG A 157 13.85 -5.98 12.47
N ALA A 158 14.91 -5.89 13.29
CA ALA A 158 15.74 -7.06 13.60
C ALA A 158 14.84 -8.23 14.04
N ASN A 159 13.96 -7.97 15.01
CA ASN A 159 13.03 -8.93 15.58
C ASN A 159 12.19 -9.58 14.46
N SER A 160 11.44 -8.76 13.70
CA SER A 160 10.82 -9.22 12.45
C SER A 160 11.92 -9.59 11.45
N ALA A 170 9.81 -13.55 5.00
CA ALA A 170 8.81 -14.54 5.48
C ALA A 170 7.57 -13.80 5.97
N ILE A 171 6.59 -13.64 5.07
CA ILE A 171 5.31 -13.01 5.38
C ILE A 171 4.22 -14.07 5.20
N MET A 172 3.39 -14.25 6.24
CA MET A 172 2.34 -15.25 6.20
C MET A 172 1.28 -14.81 5.19
N ASP A 173 0.82 -15.78 4.39
CA ASP A 173 -0.12 -15.56 3.30
C ASP A 173 -1.53 -15.36 3.90
N VAL A 174 -2.50 -14.98 3.06
CA VAL A 174 -3.83 -14.63 3.52
C VAL A 174 -4.58 -15.89 4.00
N ASN A 175 -5.64 -15.70 4.81
CA ASN A 175 -6.59 -16.72 5.21
C ASN A 175 -7.77 -16.66 4.24
N GLN A 176 -8.20 -17.83 3.72
CA GLN A 176 -9.20 -17.83 2.67
C GLN A 176 -10.60 -17.44 3.18
N ASN A 177 -10.95 -17.82 4.42
CA ASN A 177 -12.23 -17.39 5.00
C ASN A 177 -12.27 -15.85 5.11
N ALA A 178 -11.14 -15.25 5.46
CA ALA A 178 -11.03 -13.79 5.57
C ALA A 178 -11.18 -13.14 4.20
N VAL A 179 -10.58 -13.77 3.18
CA VAL A 179 -10.73 -13.25 1.82
C VAL A 179 -12.21 -13.25 1.45
N VAL A 180 -12.86 -14.38 1.63
CA VAL A 180 -14.24 -14.55 1.15
C VAL A 180 -15.15 -13.63 1.94
N SER A 181 -14.93 -13.55 3.28
CA SER A 181 -15.73 -12.69 4.15
C SER A 181 -15.68 -11.23 3.74
N ALA A 182 -14.47 -10.73 3.48
CA ALA A 182 -14.33 -9.36 2.98
C ALA A 182 -15.09 -9.17 1.66
N MET A 183 -15.01 -10.13 0.73
CA MET A 183 -15.61 -9.98 -0.61
C MET A 183 -17.13 -10.13 -0.57
N GLU A 184 -17.64 -10.87 0.42
CA GLU A 184 -19.09 -10.97 0.61
C GLU A 184 -19.65 -9.79 1.42
N LYS A 185 -18.89 -9.28 2.38
CA LYS A 185 -19.30 -8.10 3.13
C LYS A 185 -19.51 -6.95 2.15
N HIS A 186 -18.64 -6.80 1.14
CA HIS A 186 -18.70 -5.68 0.20
C HIS A 186 -19.42 -6.06 -1.09
N GLN A 187 -19.81 -7.34 -1.21
CA GLN A 187 -20.45 -7.92 -2.39
C GLN A 187 -19.71 -7.55 -3.69
N VAL A 188 -18.42 -7.88 -3.72
CA VAL A 188 -17.60 -7.64 -4.90
C VAL A 188 -17.11 -8.95 -5.49
N GLN A 189 -16.77 -8.91 -6.79
CA GLN A 189 -16.21 -10.03 -7.52
C GLN A 189 -14.73 -9.80 -7.82
N TRP A 190 -14.20 -8.65 -7.36
CA TRP A 190 -12.83 -8.19 -7.60
C TRP A 190 -12.21 -7.66 -6.31
N LEU A 191 -11.00 -8.12 -6.01
CA LEU A 191 -10.22 -7.64 -4.86
C LEU A 191 -8.79 -7.41 -5.33
N ILE A 192 -8.20 -6.26 -4.97
CA ILE A 192 -6.78 -6.00 -5.20
C ILE A 192 -6.10 -5.76 -3.86
N HIS A 193 -4.98 -6.44 -3.61
CA HIS A 193 -4.21 -6.20 -2.39
C HIS A 193 -2.72 -6.44 -2.64
N GLY A 194 -1.89 -6.11 -1.61
CA GLY A 194 -0.47 -6.42 -1.60
C GLY A 194 -0.12 -7.24 -0.37
N HIS A 195 0.91 -6.78 0.36
CA HIS A 195 1.35 -7.29 1.64
C HIS A 195 2.12 -8.61 1.53
N THR A 196 1.57 -9.59 0.81
CA THR A 196 2.09 -10.95 0.86
C THR A 196 3.30 -11.13 -0.05
N HIS A 197 3.56 -10.19 -0.98
CA HIS A 197 4.69 -10.27 -1.90
C HIS A 197 4.65 -11.56 -2.75
N ARG A 198 3.44 -12.04 -3.09
CA ARG A 198 3.26 -13.19 -3.99
C ARG A 198 2.36 -12.79 -5.13
N PRO A 199 2.93 -12.07 -6.14
CA PRO A 199 2.12 -11.50 -7.21
C PRO A 199 1.41 -12.62 -7.97
N ALA A 200 0.12 -12.41 -8.31
CA ALA A 200 -0.63 -13.44 -8.99
C ALA A 200 -2.05 -12.92 -9.20
N VAL A 201 -2.72 -13.52 -10.17
CA VAL A 201 -4.16 -13.42 -10.34
C VAL A 201 -4.75 -14.75 -9.89
N HIS A 202 -5.54 -14.74 -8.81
CA HIS A 202 -6.18 -15.94 -8.32
C HIS A 202 -7.67 -15.93 -8.69
N GLU A 203 -8.21 -17.11 -9.02
CA GLU A 203 -9.64 -17.27 -9.17
C GLU A 203 -10.22 -17.98 -7.96
N LEU A 204 -11.40 -17.55 -7.55
CA LEU A 204 -12.07 -18.11 -6.40
C LEU A 204 -13.58 -17.87 -6.58
N ILE A 205 -14.33 -18.29 -5.55
CA ILE A 205 -15.78 -18.06 -5.43
C ILE A 205 -16.06 -17.07 -4.29
N ALA A 206 -16.86 -16.05 -4.62
CA ALA A 206 -17.44 -15.16 -3.62
C ALA A 206 -18.82 -14.76 -4.10
N ASN A 207 -19.76 -14.72 -3.17
CA ASN A 207 -21.16 -14.42 -3.49
C ASN A 207 -21.66 -15.47 -4.46
N GLN A 208 -21.14 -16.71 -4.31
CA GLN A 208 -21.53 -17.86 -5.13
C GLN A 208 -21.34 -17.61 -6.62
N GLN A 209 -20.33 -16.78 -6.99
CA GLN A 209 -20.04 -16.46 -8.39
C GLN A 209 -18.52 -16.42 -8.57
N PRO A 210 -18.01 -16.52 -9.80
CA PRO A 210 -16.58 -16.31 -10.06
C PRO A 210 -16.09 -14.96 -9.55
N ALA A 211 -14.90 -14.99 -8.97
CA ALA A 211 -14.28 -13.81 -8.39
C ALA A 211 -12.78 -13.90 -8.63
N PHE A 212 -12.12 -12.74 -8.53
CA PHE A 212 -10.70 -12.62 -8.76
C PHE A 212 -10.08 -11.87 -7.59
N ARG A 213 -8.95 -12.40 -7.13
CA ARG A 213 -8.07 -11.76 -6.18
C ARG A 213 -6.73 -11.51 -6.86
N VAL A 214 -6.43 -10.23 -7.08
CA VAL A 214 -5.23 -9.80 -7.79
C VAL A 214 -4.19 -9.29 -6.81
N VAL A 215 -3.00 -9.92 -6.79
CA VAL A 215 -2.00 -9.63 -5.77
C VAL A 215 -0.81 -8.91 -6.42
N LEU A 216 -0.50 -7.69 -5.92
CA LEU A 216 0.64 -6.92 -6.40
C LEU A 216 1.95 -7.53 -5.90
N GLY A 217 3.04 -7.21 -6.59
CA GLY A 217 4.35 -7.67 -6.15
C GLY A 217 5.10 -6.56 -5.41
N ALA A 218 6.10 -6.99 -4.63
CA ALA A 218 7.02 -6.03 -4.04
C ALA A 218 7.95 -5.54 -5.14
N TRP A 219 8.46 -4.32 -5.01
CA TRP A 219 9.44 -3.78 -5.92
C TRP A 219 10.83 -4.16 -5.44
N HIS A 220 11.69 -4.59 -6.35
CA HIS A 220 13.11 -4.64 -6.01
C HIS A 220 13.96 -4.38 -7.24
N THR A 221 13.90 -5.30 -8.21
CA THR A 221 14.64 -5.12 -9.46
C THR A 221 13.69 -4.79 -10.59
N GLU A 222 12.40 -4.92 -10.31
CA GLU A 222 11.38 -4.37 -11.18
C GLU A 222 10.14 -4.10 -10.34
N GLY A 223 9.19 -3.44 -10.96
CA GLY A 223 7.94 -3.08 -10.31
C GLY A 223 6.77 -3.89 -10.84
N SER A 224 5.61 -3.65 -10.22
CA SER A 224 4.37 -4.20 -10.72
C SER A 224 3.28 -3.17 -10.45
N MET A 225 2.28 -3.20 -11.32
CA MET A 225 1.06 -2.44 -11.11
C MET A 225 -0.14 -3.28 -11.56
N VAL A 226 -1.33 -2.89 -11.12
CA VAL A 226 -2.57 -3.33 -11.73
C VAL A 226 -3.13 -2.14 -12.48
N LYS A 227 -3.52 -2.40 -13.73
CA LYS A 227 -4.10 -1.36 -14.56
C LYS A 227 -5.53 -1.76 -14.87
N VAL A 228 -6.47 -0.88 -14.52
CA VAL A 228 -7.89 -1.11 -14.66
C VAL A 228 -8.43 -0.17 -15.72
N THR A 229 -9.06 -0.76 -16.73
CA THR A 229 -9.77 -0.03 -17.78
C THR A 229 -11.18 -0.59 -17.92
N ALA A 230 -11.97 -0.07 -18.86
CA ALA A 230 -13.32 -0.59 -19.09
C ALA A 230 -13.20 -1.99 -19.68
N ASP A 231 -12.19 -2.19 -20.53
CA ASP A 231 -11.90 -3.47 -21.18
C ASP A 231 -11.33 -4.53 -20.22
N ASP A 232 -10.47 -4.16 -19.26
CA ASP A 232 -9.56 -5.13 -18.68
C ASP A 232 -9.16 -4.77 -17.23
N VAL A 233 -8.77 -5.81 -16.48
CA VAL A 233 -8.01 -5.68 -15.25
C VAL A 233 -6.71 -6.44 -15.46
N GLU A 234 -5.58 -5.74 -15.48
CA GLU A 234 -4.32 -6.39 -15.85
C GLU A 234 -3.24 -6.22 -14.79
N LEU A 235 -2.61 -7.31 -14.43
CA LEU A 235 -1.44 -7.28 -13.57
C LEU A 235 -0.25 -7.25 -14.48
N ILE A 236 0.53 -6.17 -14.40
CA ILE A 236 1.63 -5.89 -15.32
C ILE A 236 2.94 -5.80 -14.53
N HIS A 237 3.96 -6.56 -14.98
CA HIS A 237 5.25 -6.58 -14.33
C HIS A 237 6.20 -5.85 -15.29
N PHE A 238 6.86 -4.79 -14.82
CA PHE A 238 7.52 -3.88 -15.73
C PHE A 238 8.95 -3.52 -15.28
N PRO A 239 9.83 -3.20 -16.26
CA PRO A 239 11.25 -3.08 -15.96
C PRO A 239 11.54 -1.68 -15.47
N PHE A 240 12.59 -1.57 -14.68
CA PHE A 240 13.28 -0.32 -14.44
C PHE A 240 14.20 -0.08 -15.65
#